data_3ZME
#
_entry.id   3ZME
#
_cell.length_a   65.138
_cell.length_b   71.023
_cell.length_c   105.324
_cell.angle_alpha   90.00
_cell.angle_beta   90.00
_cell.angle_gamma   90.00
#
_symmetry.space_group_name_H-M   'P 21 21 21'
#
loop_
_entity.id
_entity.type
_entity.pdbx_description
1 polymer 'Cellular tumor antigen p53'
2 non-polymer 'ZINC ION'
3 non-polymer 2-(4-(4-fluorophenyl)-5-(1H-pyrrol-1-yl)-1H-pyrazol-1-yl)-N,N-dimethylethanamine
4 water water
#
_entity_poly.entity_id   1
_entity_poly.type   'polypeptide(L)'
_entity_poly.pdbx_seq_one_letter_code
;SSSVPSQKTYQGSYGFRLGFLHSGTAKSVTCTYSPALNKLFCQLAKTCPVQLWVDSTPPPGTRVRAMAIYKQSQHMTEVV
RRCPHHERCSDSDGLAPPQHLIRVEGNLRAEYLDDRNTFRHSVVVPCEPPEVGSDCTTIHYNYMCYSSCMGGMNRRPILT
IITLEDSSGNLLGRDSFEVRVCACPGRDRRTEEENLRKKGEPHHELPPGSTKRALPNNT
;
_entity_poly.pdbx_strand_id   A,B
#
loop_
_chem_comp.id
_chem_comp.type
_chem_comp.name
_chem_comp.formula
QC5 non-polymer 2-(4-(4-fluorophenyl)-5-(1H-pyrrol-1-yl)-1H-pyrazol-1-yl)-N,N-dimethylethanamine 'C17 H19 F N4'
ZN non-polymer 'ZINC ION' 'Zn 2'
#
# COMPACT_ATOMS: atom_id res chain seq x y z
N SER A 3 -0.73 5.38 12.93
CA SER A 3 0.08 6.56 12.64
C SER A 3 0.14 6.81 11.14
N VAL A 4 -0.47 5.90 10.36
CA VAL A 4 -0.58 6.09 8.91
C VAL A 4 -1.96 5.68 8.41
N PRO A 5 -2.64 6.59 7.71
CA PRO A 5 -3.96 6.30 7.15
C PRO A 5 -3.88 5.23 6.06
N SER A 6 -4.85 4.32 6.02
CA SER A 6 -4.90 3.32 4.96
C SER A 6 -5.11 3.95 3.59
N GLN A 7 -4.51 3.36 2.57
CA GLN A 7 -4.73 3.80 1.20
C GLN A 7 -5.34 2.70 0.35
N LYS A 8 -5.88 1.67 1.00
CA LYS A 8 -6.46 0.53 0.30
C LYS A 8 -7.75 0.92 -0.43
N THR A 9 -7.79 0.71 -1.74
CA THR A 9 -8.99 0.95 -2.53
C THR A 9 -10.12 0.07 -2.02
N TYR A 10 -11.29 0.66 -1.79
CA TYR A 10 -12.40 -0.06 -1.22
C TYR A 10 -13.71 0.53 -1.76
N GLN A 11 -14.38 -0.18 -2.66
CA GLN A 11 -15.61 0.36 -3.21
C GLN A 11 -16.75 0.35 -2.19
N GLY A 12 -16.77 -0.65 -1.32
CA GLY A 12 -17.81 -0.74 -0.32
C GLY A 12 -19.18 -1.04 -0.89
N SER A 13 -20.20 -0.94 -0.05
CA SER A 13 -21.55 -1.35 -0.39
CA SER A 13 -21.53 -1.38 -0.43
C SER A 13 -22.19 -0.48 -1.47
N TYR A 14 -21.69 0.75 -1.60
CA TYR A 14 -22.27 1.71 -2.53
C TYR A 14 -21.53 1.79 -3.86
N GLY A 15 -20.47 1.03 -4.03
CA GLY A 15 -19.70 1.04 -5.27
C GLY A 15 -18.99 2.35 -5.52
N PHE A 16 -18.35 2.88 -4.47
CA PHE A 16 -17.71 4.18 -4.53
C PHE A 16 -16.39 4.15 -5.29
N ARG A 17 -16.22 5.11 -6.21
CA ARG A 17 -14.93 5.28 -6.88
C ARG A 17 -14.83 6.68 -7.47
N LEU A 18 -13.62 7.12 -7.76
CA LEU A 18 -13.41 8.44 -8.32
C LEU A 18 -13.45 8.44 -9.84
N GLY A 19 -13.61 9.63 -10.43
CA GLY A 19 -13.45 9.79 -11.86
C GLY A 19 -12.77 11.10 -12.15
N PHE A 20 -12.08 11.18 -13.28
CA PHE A 20 -11.37 12.39 -13.67
C PHE A 20 -11.71 12.76 -15.09
N LEU A 21 -11.71 14.05 -15.38
CA LEU A 21 -11.93 14.55 -16.72
C LEU A 21 -10.76 14.19 -17.63
N HIS A 22 -10.95 14.38 -18.94
CA HIS A 22 -9.88 14.15 -19.91
C HIS A 22 -9.41 15.49 -20.49
N SER A 23 -8.45 16.09 -19.82
CA SER A 23 -8.07 17.48 -20.08
C SER A 23 -6.92 17.63 -21.04
N GLY A 24 -6.25 16.53 -21.37
CA GLY A 24 -5.14 16.58 -22.31
C GLY A 24 -3.84 17.08 -21.70
N THR A 25 -2.81 17.22 -22.53
CA THR A 25 -1.49 17.57 -22.03
C THR A 25 -0.88 18.80 -22.71
N ALA A 26 -1.72 19.68 -23.23
CA ALA A 26 -1.25 20.93 -23.81
C ALA A 26 -0.49 21.72 -22.77
N LYS A 27 0.50 22.50 -23.23
CA LYS A 27 1.35 23.27 -22.35
C LYS A 27 0.54 24.19 -21.42
N SER A 28 -0.63 24.62 -21.88
CA SER A 28 -1.47 25.55 -21.15
C SER A 28 -2.41 24.92 -20.12
N VAL A 29 -2.48 23.59 -20.09
CA VAL A 29 -3.42 22.91 -19.21
C VAL A 29 -3.10 23.15 -17.73
N THR A 30 -4.12 23.33 -16.90
CA THR A 30 -3.90 23.68 -15.50
C THR A 30 -4.09 22.50 -14.54
N CYS A 31 -4.75 21.45 -15.03
CA CYS A 31 -5.04 20.27 -14.24
C CYS A 31 -5.24 19.14 -15.23
N THR A 32 -4.54 18.03 -15.04
CA THR A 32 -4.67 16.89 -15.95
C THR A 32 -4.35 15.58 -15.23
N TYR A 33 -5.13 14.57 -15.52
CA TYR A 33 -5.02 13.29 -14.82
C TYR A 33 -4.45 12.20 -15.73
N SER A 34 -3.46 11.47 -15.22
CA SER A 34 -2.89 10.33 -15.93
C SER A 34 -3.41 9.00 -15.39
N PRO A 35 -4.28 8.32 -16.15
CA PRO A 35 -4.73 6.99 -15.70
C PRO A 35 -3.57 6.00 -15.61
N ALA A 36 -2.60 6.09 -16.53
CA ALA A 36 -1.50 5.11 -16.51
C ALA A 36 -0.66 5.22 -15.26
N LEU A 37 -0.54 6.44 -14.72
CA LEU A 37 0.24 6.69 -13.51
C LEU A 37 -0.62 6.77 -12.24
N ASN A 38 -1.95 6.73 -12.41
CA ASN A 38 -2.91 7.14 -11.38
C ASN A 38 -2.43 8.39 -10.65
N LYS A 39 -2.24 9.45 -11.42
CA LYS A 39 -1.57 10.65 -10.92
C LYS A 39 -2.18 11.89 -11.53
N LEU A 40 -2.57 12.82 -10.65
CA LEU A 40 -3.09 14.13 -11.02
C LEU A 40 -1.93 15.12 -11.04
N PHE A 41 -1.83 15.90 -12.10
CA PHE A 41 -0.84 16.97 -12.21
C PHE A 41 -1.61 18.28 -12.25
N CYS A 42 -1.25 19.22 -11.38
CA CYS A 42 -1.99 20.48 -11.36
C CYS A 42 -1.10 21.66 -11.00
N GLN A 43 -1.54 22.84 -11.40
CA GLN A 43 -0.93 24.08 -11.01
C GLN A 43 -1.37 24.48 -9.61
N LEU A 44 -0.57 25.35 -9.00
CA LEU A 44 -0.82 25.84 -7.66
C LEU A 44 -2.16 26.56 -7.56
N ALA A 45 -3.00 26.11 -6.62
CA ALA A 45 -4.25 26.78 -6.27
C ALA A 45 -5.28 26.82 -7.40
N LYS A 46 -5.11 25.98 -8.41
CA LYS A 46 -6.08 25.92 -9.50
C LYS A 46 -7.13 24.84 -9.26
N THR A 47 -8.28 24.99 -9.89
CA THR A 47 -9.40 24.06 -9.71
C THR A 47 -9.07 22.66 -10.20
N CYS A 48 -9.27 21.67 -9.33
CA CYS A 48 -9.09 20.27 -9.69
C CYS A 48 -10.42 19.53 -9.53
N PRO A 49 -11.13 19.31 -10.65
CA PRO A 49 -12.43 18.62 -10.56
C PRO A 49 -12.22 17.13 -10.34
N VAL A 50 -12.88 16.60 -9.32
CA VAL A 50 -12.82 15.17 -9.03
C VAL A 50 -14.25 14.64 -8.97
N GLN A 51 -14.57 13.67 -9.81
CA GLN A 51 -15.89 13.07 -9.81
C GLN A 51 -16.04 12.00 -8.75
N LEU A 52 -17.22 11.95 -8.14
CA LEU A 52 -17.55 10.92 -7.18
C LEU A 52 -18.64 10.06 -7.81
N TRP A 53 -18.33 8.79 -8.02
CA TRP A 53 -19.25 7.84 -8.62
C TRP A 53 -19.70 6.80 -7.59
N VAL A 54 -21.00 6.50 -7.57
CA VAL A 54 -21.50 5.38 -6.78
C VAL A 54 -22.48 4.58 -7.61
N ASP A 55 -22.62 3.30 -7.30
CA ASP A 55 -23.66 2.46 -7.93
C ASP A 55 -25.02 2.68 -7.30
N SER A 56 -25.03 2.97 -6.00
CA SER A 56 -26.29 3.25 -5.31
CA SER A 56 -26.26 3.19 -5.24
C SER A 56 -26.10 4.40 -4.34
N THR A 57 -27.19 5.11 -4.09
CA THR A 57 -27.15 6.32 -3.29
C THR A 57 -26.92 6.01 -1.81
N PRO A 58 -25.88 6.60 -1.21
CA PRO A 58 -25.66 6.37 0.22
C PRO A 58 -26.61 7.21 1.08
N PRO A 59 -26.69 6.90 2.37
CA PRO A 59 -27.68 7.54 3.24
C PRO A 59 -27.46 9.05 3.45
N PRO A 60 -28.53 9.76 3.82
CA PRO A 60 -28.36 11.17 4.21
C PRO A 60 -27.36 11.26 5.35
N GLY A 61 -26.45 12.22 5.28
CA GLY A 61 -25.43 12.38 6.30
C GLY A 61 -24.09 11.78 5.91
N THR A 62 -24.06 11.06 4.80
CA THR A 62 -22.80 10.56 4.27
C THR A 62 -21.92 11.74 3.88
N ARG A 63 -20.61 11.62 4.12
CA ARG A 63 -19.67 12.69 3.80
C ARG A 63 -18.48 12.16 2.99
N VAL A 64 -17.74 13.07 2.38
CA VAL A 64 -16.57 12.73 1.58
CA VAL A 64 -16.56 12.70 1.63
C VAL A 64 -15.38 13.53 2.12
N ARG A 65 -14.33 12.84 2.54
CA ARG A 65 -13.15 13.47 3.12
C ARG A 65 -11.94 13.31 2.20
N ALA A 66 -11.09 14.34 2.14
CA ALA A 66 -9.82 14.28 1.42
C ALA A 66 -8.67 14.54 2.40
N MET A 67 -7.59 13.77 2.26
CA MET A 67 -6.40 13.90 3.11
C MET A 67 -5.18 13.57 2.26
N ALA A 68 -4.07 14.26 2.48
CA ALA A 68 -2.83 13.95 1.79
C ALA A 68 -1.88 13.20 2.71
N ILE A 69 -1.17 12.22 2.16
CA ILE A 69 -0.06 11.60 2.87
C ILE A 69 1.16 11.52 1.94
N TYR A 70 2.35 11.41 2.51
CA TYR A 70 3.51 11.15 1.68
C TYR A 70 3.46 9.75 1.09
N LYS A 71 3.84 9.63 -0.17
CA LYS A 71 3.78 8.34 -0.86
C LYS A 71 4.88 7.38 -0.42
N GLN A 72 6.08 7.91 -0.15
CA GLN A 72 7.20 7.07 0.25
C GLN A 72 7.06 6.65 1.71
N SER A 73 7.25 5.36 1.97
CA SER A 73 7.05 4.80 3.30
CA SER A 73 7.06 4.79 3.30
C SER A 73 7.89 5.48 4.38
N GLN A 74 9.11 5.88 4.03
CA GLN A 74 9.99 6.51 5.02
C GLN A 74 9.56 7.93 5.42
N HIS A 75 8.55 8.48 4.75
CA HIS A 75 8.02 9.80 5.08
C HIS A 75 6.56 9.74 5.48
N MET A 76 5.96 8.56 5.45
CA MET A 76 4.52 8.42 5.63
CA MET A 76 4.52 8.46 5.61
C MET A 76 3.98 8.89 6.97
N THR A 77 4.82 8.85 8.01
CA THR A 77 4.35 9.30 9.32
C THR A 77 4.42 10.83 9.47
N GLU A 78 5.00 11.53 8.50
CA GLU A 78 5.09 12.99 8.59
C GLU A 78 3.81 13.63 8.06
N VAL A 79 3.24 14.54 8.82
CA VAL A 79 2.05 15.25 8.37
C VAL A 79 2.36 16.08 7.13
N VAL A 80 1.55 15.92 6.08
CA VAL A 80 1.65 16.77 4.90
C VAL A 80 1.02 18.12 5.22
N ARG A 81 1.79 19.19 5.07
CA ARG A 81 1.28 20.53 5.37
C ARG A 81 1.88 21.53 4.40
N ARG A 82 1.35 22.74 4.38
CA ARG A 82 1.95 23.80 3.59
C ARG A 82 3.30 24.22 4.15
N CYS A 83 4.15 24.71 3.26
CA CYS A 83 5.52 25.07 3.57
C CYS A 83 5.55 26.37 4.38
N PRO A 84 6.72 26.71 4.93
CA PRO A 84 6.79 27.87 5.84
C PRO A 84 6.46 29.18 5.13
N HIS A 85 6.64 29.24 3.81
CA HIS A 85 6.24 30.42 3.05
C HIS A 85 4.73 30.47 2.86
N HIS A 86 4.16 29.41 2.29
CA HIS A 86 2.75 29.45 1.93
C HIS A 86 1.80 29.50 3.12
N GLU A 87 2.19 28.90 4.24
CA GLU A 87 1.31 28.95 5.42
C GLU A 87 1.20 30.38 5.94
N ARG A 88 2.11 31.26 5.53
CA ARG A 88 2.13 32.67 5.97
C ARG A 88 1.74 33.68 4.90
N CYS A 89 1.21 33.24 3.78
N CYS A 89 1.18 33.20 3.81
CA CYS A 89 0.94 34.20 2.70
CA CYS A 89 0.86 34.05 2.65
C CYS A 89 -0.47 34.79 2.69
C CYS A 89 -0.39 34.90 2.79
N SER A 90 -1.25 34.54 3.73
CA SER A 90 -2.53 35.24 3.91
C SER A 90 -3.43 35.12 2.67
N ASP A 91 -3.54 33.90 2.16
CA ASP A 91 -4.37 33.63 0.99
C ASP A 91 -5.60 32.82 1.38
N SER A 92 -6.00 32.91 2.64
CA SER A 92 -7.11 32.08 3.12
C SER A 92 -8.44 32.53 2.50
N ASP A 93 -9.34 31.57 2.38
CA ASP A 93 -10.67 31.82 1.84
C ASP A 93 -11.65 32.09 2.96
N GLY A 94 -11.12 32.23 4.18
CA GLY A 94 -11.94 32.51 5.35
C GLY A 94 -12.43 31.25 6.05
N LEU A 95 -12.14 30.09 5.48
CA LEU A 95 -12.61 28.82 6.02
C LEU A 95 -11.46 27.82 6.21
N ALA A 96 -10.61 27.68 5.20
CA ALA A 96 -9.47 26.79 5.31
C ALA A 96 -8.40 27.37 6.23
N PRO A 97 -7.91 26.58 7.19
CA PRO A 97 -6.74 27.05 7.95
C PRO A 97 -5.57 27.24 6.99
N PRO A 98 -4.72 28.24 7.25
CA PRO A 98 -3.61 28.53 6.32
C PRO A 98 -2.58 27.41 6.19
N GLN A 99 -2.56 26.46 7.14
CA GLN A 99 -1.63 25.35 7.10
C GLN A 99 -2.04 24.22 6.15
N HIS A 100 -3.34 24.16 5.80
CA HIS A 100 -3.85 23.02 5.04
C HIS A 100 -3.48 23.05 3.56
N LEU A 101 -2.93 21.95 3.08
CA LEU A 101 -2.59 21.82 1.65
C LEU A 101 -3.82 21.76 0.77
N ILE A 102 -4.80 20.93 1.18
CA ILE A 102 -5.97 20.70 0.34
C ILE A 102 -7.15 21.54 0.79
N ARG A 103 -7.72 22.29 -0.15
CA ARG A 103 -8.95 23.03 0.07
C ARG A 103 -10.05 22.51 -0.83
N VAL A 104 -11.29 22.68 -0.39
CA VAL A 104 -12.44 22.51 -1.27
C VAL A 104 -12.89 23.89 -1.68
N GLU A 105 -13.10 24.05 -2.98
CA GLU A 105 -13.48 25.33 -3.55
C GLU A 105 -15.00 25.43 -3.67
N GLY A 106 -15.56 26.57 -3.29
CA GLY A 106 -16.97 26.86 -3.52
C GLY A 106 -17.97 25.96 -2.84
N ASN A 107 -17.70 25.59 -1.60
CA ASN A 107 -18.65 24.83 -0.81
C ASN A 107 -18.62 25.32 0.62
N LEU A 108 -19.63 26.09 1.01
CA LEU A 108 -19.68 26.69 2.32
C LEU A 108 -19.87 25.68 3.44
N ARG A 109 -20.20 24.45 3.07
CA ARG A 109 -20.40 23.39 4.06
C ARG A 109 -19.12 22.57 4.29
N ALA A 110 -18.03 22.95 3.63
CA ALA A 110 -16.76 22.29 3.86
C ALA A 110 -16.31 22.49 5.31
N GLU A 111 -15.80 21.41 5.90
CA GLU A 111 -15.23 21.48 7.24
CA GLU A 111 -15.24 21.45 7.25
C GLU A 111 -13.78 21.02 7.21
N TYR A 112 -12.93 21.75 7.93
CA TYR A 112 -11.51 21.45 7.99
C TYR A 112 -11.16 20.88 9.34
N LEU A 113 -10.50 19.74 9.35
CA LEU A 113 -10.15 19.06 10.58
C LEU A 113 -8.65 19.04 10.81
N ASP A 114 -8.24 19.47 12.00
N ASP A 114 -8.24 19.44 12.01
CA ASP A 114 -6.93 19.17 12.55
CA ASP A 114 -6.89 19.15 12.50
C ASP A 114 -7.16 18.03 13.52
C ASP A 114 -7.04 18.06 13.55
N ASP A 115 -6.66 16.84 13.20
CA ASP A 115 -6.91 15.68 14.06
C ASP A 115 -6.20 15.85 15.39
N ARG A 116 -6.95 15.74 16.48
CA ARG A 116 -6.39 16.01 17.81
C ARG A 116 -5.35 14.98 18.23
N ASN A 117 -5.40 13.80 17.61
CA ASN A 117 -4.47 12.71 17.93
C ASN A 117 -3.31 12.56 16.95
N THR A 118 -3.61 12.59 15.65
CA THR A 118 -2.59 12.38 14.62
C THR A 118 -2.03 13.68 14.08
N PHE A 119 -2.72 14.78 14.33
CA PHE A 119 -2.33 16.10 13.81
C PHE A 119 -2.47 16.24 12.31
N ARG A 120 -3.06 15.25 11.65
CA ARG A 120 -3.22 15.34 10.20
C ARG A 120 -4.36 16.26 9.84
N HIS A 121 -4.25 16.83 8.65
CA HIS A 121 -5.25 17.75 8.12
C HIS A 121 -6.17 17.01 7.18
N SER A 122 -7.43 17.41 7.16
CA SER A 122 -8.33 16.91 6.14
C SER A 122 -9.46 17.89 5.93
N VAL A 123 -10.15 17.74 4.81
CA VAL A 123 -11.29 18.57 4.50
C VAL A 123 -12.44 17.66 4.09
N VAL A 124 -13.60 17.90 4.67
CA VAL A 124 -14.73 17.01 4.49
C VAL A 124 -15.97 17.80 4.10
N VAL A 125 -16.77 17.25 3.18
CA VAL A 125 -18.01 17.91 2.75
C VAL A 125 -19.15 16.89 2.77
N PRO A 126 -20.37 17.37 2.95
CA PRO A 126 -21.52 16.46 2.87
C PRO A 126 -21.71 15.97 1.45
N CYS A 127 -22.09 14.71 1.31
CA CYS A 127 -22.52 14.21 0.01
C CYS A 127 -23.84 14.85 -0.38
N GLU A 128 -23.88 15.35 -1.60
CA GLU A 128 -25.10 15.90 -2.16
C GLU A 128 -25.43 15.19 -3.46
N PRO A 129 -26.72 15.17 -3.83
CA PRO A 129 -27.11 14.54 -5.10
C PRO A 129 -26.51 15.28 -6.29
N PRO A 130 -26.26 14.55 -7.39
CA PRO A 130 -25.87 15.19 -8.65
C PRO A 130 -26.92 16.21 -9.09
N GLU A 131 -26.51 17.23 -9.83
CA GLU A 131 -27.47 18.15 -10.43
C GLU A 131 -28.36 17.35 -11.38
N VAL A 132 -29.61 17.77 -11.55
CA VAL A 132 -30.49 17.11 -12.49
C VAL A 132 -29.85 17.10 -13.87
N GLY A 133 -29.79 15.92 -14.48
CA GLY A 133 -29.15 15.75 -15.77
C GLY A 133 -27.74 15.18 -15.68
N SER A 134 -27.20 15.11 -14.47
CA SER A 134 -25.85 14.55 -14.28
C SER A 134 -25.89 13.16 -13.67
N ASP A 135 -24.84 12.39 -13.94
CA ASP A 135 -24.75 11.01 -13.47
C ASP A 135 -23.80 10.87 -12.29
N CYS A 136 -23.10 11.95 -11.94
CA CYS A 136 -22.20 11.90 -10.81
C CYS A 136 -22.11 13.28 -10.18
N THR A 137 -21.53 13.32 -8.99
CA THR A 137 -21.28 14.59 -8.34
CA THR A 137 -21.28 14.56 -8.28
C THR A 137 -19.80 14.92 -8.45
N THR A 138 -19.49 16.21 -8.51
CA THR A 138 -18.10 16.64 -8.64
C THR A 138 -17.72 17.53 -7.47
N ILE A 139 -16.52 17.31 -6.93
CA ILE A 139 -15.96 18.19 -5.92
C ILE A 139 -14.78 18.91 -6.56
N HIS A 140 -14.62 20.18 -6.24
CA HIS A 140 -13.49 20.96 -6.75
C HIS A 140 -12.45 21.17 -5.66
N TYR A 141 -11.28 20.59 -5.85
CA TYR A 141 -10.19 20.72 -4.88
C TYR A 141 -9.14 21.72 -5.36
N ASN A 142 -8.44 22.34 -4.41
CA ASN A 142 -7.26 23.16 -4.71
C ASN A 142 -6.10 22.64 -3.89
N TYR A 143 -4.91 22.61 -4.49
CA TYR A 143 -3.69 22.25 -3.76
C TYR A 143 -2.86 23.51 -3.61
N MET A 144 -2.47 23.81 -2.36
CA MET A 144 -2.01 25.16 -2.02
C MET A 144 -0.50 25.32 -1.81
N CYS A 145 0.28 24.32 -2.20
CA CYS A 145 1.74 24.38 -2.25
C CYS A 145 2.21 23.59 -3.45
N TYR A 146 3.37 23.95 -3.99
CA TYR A 146 4.03 23.13 -5.00
C TYR A 146 4.69 21.90 -4.38
N SER A 147 4.73 20.81 -5.15
CA SER A 147 5.47 19.63 -4.69
C SER A 147 6.91 19.99 -4.30
N SER A 148 7.46 20.99 -4.98
CA SER A 148 8.86 21.38 -4.77
C SER A 148 9.11 22.31 -3.59
N CYS A 149 8.05 22.77 -2.91
CA CYS A 149 8.23 23.80 -1.88
C CYS A 149 9.20 23.37 -0.78
N MET A 150 10.25 24.16 -0.56
CA MET A 150 11.21 23.81 0.47
C MET A 150 10.62 23.99 1.86
N GLY A 151 10.97 23.06 2.76
CA GLY A 151 10.44 23.08 4.10
C GLY A 151 9.01 22.56 4.17
N GLY A 152 8.45 22.21 3.02
CA GLY A 152 7.13 21.58 2.95
C GLY A 152 7.27 20.23 2.29
N MET A 153 6.54 20.01 1.19
CA MET A 153 6.65 18.73 0.50
C MET A 153 8.08 18.43 0.04
N ASN A 154 8.84 19.49 -0.29
N ASN A 154 8.85 19.47 -0.31
CA ASN A 154 10.27 19.36 -0.58
CA ASN A 154 10.28 19.30 -0.53
C ASN A 154 10.58 18.27 -1.60
C ASN A 154 10.61 18.27 -1.62
N ARG A 155 9.83 18.28 -2.70
CA ARG A 155 10.00 17.37 -3.83
C ARG A 155 9.51 15.93 -3.60
N ARG A 156 8.98 15.66 -2.42
CA ARG A 156 8.45 14.33 -2.11
C ARG A 156 7.06 14.16 -2.68
N PRO A 157 6.82 13.04 -3.37
CA PRO A 157 5.48 12.78 -3.89
CA PRO A 157 5.48 12.77 -3.90
C PRO A 157 4.45 12.55 -2.79
N ILE A 158 3.21 12.96 -3.06
CA ILE A 158 2.12 12.70 -2.13
C ILE A 158 0.99 11.94 -2.81
N LEU A 159 0.15 11.35 -1.97
CA LEU A 159 -1.11 10.77 -2.41
C LEU A 159 -2.23 11.54 -1.76
N THR A 160 -3.33 11.72 -2.49
CA THR A 160 -4.58 12.14 -1.88
C THR A 160 -5.45 10.91 -1.69
N ILE A 161 -5.97 10.75 -0.47
CA ILE A 161 -6.89 9.69 -0.14
C ILE A 161 -8.28 10.29 0.03
N ILE A 162 -9.26 9.77 -0.73
CA ILE A 162 -10.62 10.23 -0.64
C ILE A 162 -11.45 9.13 0.00
N THR A 163 -12.08 9.44 1.12
CA THR A 163 -12.92 8.45 1.79
CA THR A 163 -12.88 8.49 1.86
C THR A 163 -14.36 8.89 1.86
N LEU A 164 -15.23 7.93 1.59
CA LEU A 164 -16.65 8.08 1.79
C LEU A 164 -16.93 7.60 3.21
N GLU A 165 -17.61 8.40 4.02
CA GLU A 165 -17.79 8.14 5.45
C GLU A 165 -19.25 8.27 5.85
N ASP A 166 -19.67 7.51 6.85
CA ASP A 166 -20.99 7.73 7.40
C ASP A 166 -20.98 8.93 8.36
N SER A 167 -22.12 9.22 8.98
CA SER A 167 -22.23 10.41 9.80
C SER A 167 -21.33 10.39 11.04
N SER A 168 -20.93 9.19 11.47
CA SER A 168 -20.00 9.03 12.60
C SER A 168 -18.55 9.06 12.18
N GLY A 169 -18.30 9.09 10.88
CA GLY A 169 -16.94 9.03 10.37
C GLY A 169 -16.44 7.64 10.07
N ASN A 170 -17.33 6.64 10.16
CA ASN A 170 -16.94 5.27 9.80
C ASN A 170 -16.76 5.10 8.30
N LEU A 171 -15.84 4.22 7.93
CA LEU A 171 -15.50 3.99 6.53
C LEU A 171 -16.60 3.33 5.71
N LEU A 172 -16.96 3.95 4.59
CA LEU A 172 -17.88 3.33 3.62
C LEU A 172 -17.21 3.00 2.30
N GLY A 173 -16.17 3.75 1.95
CA GLY A 173 -15.49 3.58 0.68
C GLY A 173 -14.19 4.37 0.66
N ARG A 174 -13.24 3.98 -0.17
CA ARG A 174 -11.95 4.67 -0.24
C ARG A 174 -11.37 4.56 -1.65
N ASP A 175 -10.75 5.64 -2.11
CA ASP A 175 -10.00 5.64 -3.36
C ASP A 175 -8.83 6.61 -3.17
N SER A 176 -7.88 6.62 -4.10
CA SER A 176 -6.71 7.49 -3.93
C SER A 176 -6.01 7.72 -5.26
N PHE A 177 -5.18 8.74 -5.29
CA PHE A 177 -4.40 9.08 -6.47
C PHE A 177 -3.17 9.87 -6.04
N GLU A 178 -2.08 9.71 -6.78
CA GLU A 178 -0.89 10.52 -6.56
C GLU A 178 -1.14 11.94 -7.09
N VAL A 179 -0.47 12.93 -6.50
CA VAL A 179 -0.58 14.30 -6.97
C VAL A 179 0.79 14.92 -7.12
N ARG A 180 1.01 15.62 -8.24
CA ARG A 180 2.15 16.51 -8.39
C ARG A 180 1.62 17.92 -8.63
N VAL A 181 2.01 18.86 -7.77
CA VAL A 181 1.63 20.26 -7.97
C VAL A 181 2.84 20.94 -8.58
N CYS A 182 2.67 21.48 -9.77
CA CYS A 182 3.81 21.95 -10.56
C CYS A 182 3.42 23.06 -11.51
N ALA A 183 4.42 23.73 -12.09
CA ALA A 183 4.15 24.85 -12.97
C ALA A 183 3.57 24.45 -14.33
N CYS A 184 3.97 23.28 -14.83
CA CYS A 184 3.54 22.85 -16.17
CA CYS A 184 3.56 22.84 -16.17
C CYS A 184 3.07 21.40 -16.15
N PRO A 185 1.83 21.20 -15.70
CA PRO A 185 1.26 19.84 -15.58
C PRO A 185 1.23 19.07 -16.89
N GLY A 186 0.96 19.74 -18.01
CA GLY A 186 0.91 19.06 -19.30
C GLY A 186 2.25 18.45 -19.67
N ARG A 187 3.30 19.25 -19.57
CA ARG A 187 4.64 18.78 -19.87
C ARG A 187 5.07 17.68 -18.91
N ASP A 188 4.77 17.86 -17.62
CA ASP A 188 5.22 16.85 -16.66
C ASP A 188 4.48 15.54 -16.84
N ARG A 189 3.18 15.60 -17.13
CA ARG A 189 2.45 14.37 -17.42
C ARG A 189 3.04 13.65 -18.63
N ARG A 190 3.32 14.40 -19.70
CA ARG A 190 3.89 13.80 -20.92
C ARG A 190 5.24 13.14 -20.62
N THR A 191 6.08 13.83 -19.86
CA THR A 191 7.39 13.31 -19.50
C THR A 191 7.30 12.04 -18.67
N GLU A 192 6.47 12.05 -17.63
CA GLU A 192 6.39 10.90 -16.76
C GLU A 192 5.75 9.71 -17.45
N GLU A 193 4.78 9.97 -18.33
CA GLU A 193 4.18 8.89 -19.12
C GLU A 193 5.18 8.28 -20.09
N GLU A 194 6.05 9.11 -20.64
CA GLU A 194 7.12 8.62 -21.51
C GLU A 194 8.12 7.79 -20.73
N ASN A 195 8.49 8.26 -19.54
CA ASN A 195 9.40 7.51 -18.68
C ASN A 195 8.86 6.13 -18.31
N LEU A 196 7.56 6.07 -18.01
CA LEU A 196 6.90 4.82 -17.66
C LEU A 196 6.95 3.84 -18.83
N ARG A 197 6.61 4.35 -20.00
CA ARG A 197 6.66 3.57 -21.22
C ARG A 197 8.11 3.24 -21.58
N SER B 2 17.50 -19.41 18.84
CA SER B 2 16.12 -19.84 19.04
C SER B 2 15.87 -21.21 18.42
N SER B 3 14.78 -21.86 18.83
CA SER B 3 14.38 -23.13 18.24
C SER B 3 13.97 -22.91 16.79
N VAL B 4 14.02 -23.97 15.98
CA VAL B 4 13.81 -23.83 14.54
C VAL B 4 12.43 -24.35 14.11
N PRO B 5 11.60 -23.45 13.55
CA PRO B 5 10.28 -23.83 13.05
C PRO B 5 10.41 -24.83 11.92
N SER B 6 9.50 -25.80 11.86
CA SER B 6 9.50 -26.76 10.78
C SER B 6 9.22 -26.09 9.44
N GLN B 7 9.88 -26.57 8.40
CA GLN B 7 9.57 -26.13 7.05
C GLN B 7 9.00 -27.27 6.20
N LYS B 8 8.61 -28.38 6.84
CA LYS B 8 8.12 -29.54 6.10
C LYS B 8 6.76 -29.30 5.45
N THR B 9 6.65 -29.57 4.16
CA THR B 9 5.39 -29.42 3.47
C THR B 9 4.34 -30.35 4.08
N TYR B 10 3.15 -29.82 4.36
CA TYR B 10 2.10 -30.58 4.99
C TYR B 10 0.76 -30.04 4.51
N GLN B 11 0.11 -30.78 3.63
CA GLN B 11 -1.16 -30.28 3.09
C GLN B 11 -2.28 -30.30 4.12
N GLY B 12 -2.26 -31.28 5.01
CA GLY B 12 -3.28 -31.36 6.03
C GLY B 12 -4.65 -31.73 5.49
N SER B 13 -5.65 -31.65 6.36
CA SER B 13 -7.00 -32.11 6.04
CA SER B 13 -6.98 -32.14 6.00
C SER B 13 -7.68 -31.28 4.96
N TYR B 14 -7.26 -30.03 4.80
CA TYR B 14 -7.90 -29.15 3.82
C TYR B 14 -7.19 -29.11 2.46
N GLY B 15 -6.08 -29.84 2.32
CA GLY B 15 -5.35 -29.85 1.06
C GLY B 15 -4.70 -28.51 0.76
N PHE B 16 -4.07 -27.93 1.76
CA PHE B 16 -3.47 -26.60 1.66
C PHE B 16 -2.16 -26.60 0.90
N ARG B 17 -2.02 -25.66 -0.03
CA ARG B 17 -0.75 -25.44 -0.73
C ARG B 17 -0.73 -24.04 -1.34
N LEU B 18 0.47 -23.56 -1.64
CA LEU B 18 0.64 -22.24 -2.23
C LEU B 18 0.57 -22.25 -3.75
N GLY B 19 0.37 -21.07 -4.31
CA GLY B 19 0.52 -20.88 -5.75
C GLY B 19 1.09 -19.51 -6.03
N PHE B 20 1.69 -19.34 -7.20
CA PHE B 20 2.32 -18.08 -7.59
C PHE B 20 1.92 -17.73 -9.01
N LEU B 21 1.82 -16.42 -9.27
CA LEU B 21 1.56 -15.93 -10.62
C LEU B 21 2.72 -16.28 -11.54
N HIS B 22 2.47 -16.23 -12.84
CA HIS B 22 3.53 -16.42 -13.83
C HIS B 22 3.89 -15.08 -14.42
N SER B 23 4.85 -14.40 -13.79
CA SER B 23 5.13 -12.99 -14.07
C SER B 23 6.25 -12.77 -15.07
N GLY B 24 6.98 -13.83 -15.42
CA GLY B 24 8.05 -13.73 -16.40
C GLY B 24 9.32 -13.13 -15.82
N THR B 25 10.28 -12.85 -16.69
CA THR B 25 11.60 -12.44 -16.22
C THR B 25 12.10 -11.17 -16.92
N ALA B 26 11.19 -10.36 -17.44
CA ALA B 26 11.57 -9.07 -18.00
C ALA B 26 12.29 -8.24 -16.94
N LYS B 27 13.25 -7.41 -17.35
CA LYS B 27 14.04 -6.69 -16.37
C LYS B 27 13.21 -5.73 -15.50
N SER B 28 12.02 -5.37 -15.97
CA SER B 28 11.14 -4.46 -15.23
C SER B 28 10.30 -5.16 -14.15
N VAL B 29 10.26 -6.48 -14.17
CA VAL B 29 9.39 -7.24 -13.28
C VAL B 29 9.73 -7.00 -11.80
N THR B 30 8.70 -6.86 -10.97
CA THR B 30 8.91 -6.51 -9.55
C THR B 30 8.90 -7.73 -8.64
N CYS B 31 8.28 -8.80 -9.10
CA CYS B 31 8.17 -10.04 -8.33
C CYS B 31 8.00 -11.17 -9.33
N THR B 32 8.80 -12.22 -9.17
CA THR B 32 8.71 -13.37 -10.07
C THR B 32 9.10 -14.66 -9.36
N TYR B 33 8.36 -15.73 -9.62
CA TYR B 33 8.56 -16.99 -8.92
C TYR B 33 9.15 -18.05 -9.85
N SER B 34 10.18 -18.76 -9.37
CA SER B 34 10.78 -19.87 -10.09
C SER B 34 10.33 -21.22 -9.52
N PRO B 35 9.48 -21.95 -10.26
CA PRO B 35 9.10 -23.28 -9.81
C PRO B 35 10.31 -24.23 -9.74
N ALA B 36 11.25 -24.12 -10.67
CA ALA B 36 12.39 -25.03 -10.67
C ALA B 36 13.25 -24.85 -9.42
N LEU B 37 13.33 -23.63 -8.90
CA LEU B 37 14.12 -23.33 -7.72
C LEU B 37 13.28 -23.26 -6.44
N ASN B 38 11.96 -23.36 -6.57
CA ASN B 38 11.01 -23.02 -5.50
C ASN B 38 11.45 -21.75 -4.80
N LYS B 39 11.61 -20.69 -5.59
CA LYS B 39 12.21 -19.46 -5.11
C LYS B 39 11.53 -18.24 -5.69
N LEU B 40 11.11 -17.34 -4.81
CA LEU B 40 10.53 -16.06 -5.18
C LEU B 40 11.62 -15.00 -5.21
N PHE B 41 11.65 -14.21 -6.29
CA PHE B 41 12.58 -13.11 -6.45
C PHE B 41 11.77 -11.82 -6.46
N CYS B 42 12.10 -10.86 -5.61
CA CYS B 42 11.32 -9.64 -5.56
C CYS B 42 12.13 -8.41 -5.24
N GLN B 43 11.61 -7.25 -5.64
CA GLN B 43 12.23 -5.99 -5.29
C GLN B 43 11.83 -5.60 -3.88
N LEU B 44 12.62 -4.70 -3.31
CA LEU B 44 12.40 -4.24 -1.96
C LEU B 44 11.03 -3.60 -1.79
N ALA B 45 10.27 -4.13 -0.85
CA ALA B 45 8.99 -3.57 -0.42
C ALA B 45 7.88 -3.58 -1.48
N LYS B 46 8.09 -4.31 -2.57
CA LYS B 46 7.07 -4.37 -3.61
C LYS B 46 6.08 -5.51 -3.34
N THR B 47 4.91 -5.42 -3.97
CA THR B 47 3.86 -6.41 -3.79
C THR B 47 4.28 -7.81 -4.26
N CYS B 48 4.15 -8.78 -3.38
CA CYS B 48 4.39 -10.18 -3.71
C CYS B 48 3.11 -10.98 -3.50
N PRO B 49 2.37 -11.25 -4.58
CA PRO B 49 1.13 -12.02 -4.47
C PRO B 49 1.41 -13.50 -4.23
N VAL B 50 0.79 -14.05 -3.19
CA VAL B 50 0.90 -15.47 -2.91
C VAL B 50 -0.52 -16.05 -2.84
N GLN B 51 -0.78 -17.06 -3.66
CA GLN B 51 -2.10 -17.70 -3.67
C GLN B 51 -2.17 -18.77 -2.60
N LEU B 52 -3.35 -18.88 -1.98
CA LEU B 52 -3.61 -19.92 -1.00
C LEU B 52 -4.66 -20.85 -1.60
N TRP B 53 -4.26 -22.09 -1.87
CA TRP B 53 -5.16 -23.06 -2.46
C TRP B 53 -5.55 -24.12 -1.42
N VAL B 54 -6.84 -24.48 -1.41
CA VAL B 54 -7.29 -25.60 -0.58
C VAL B 54 -8.25 -26.46 -1.39
N ASP B 55 -8.33 -27.75 -1.06
CA ASP B 55 -9.33 -28.63 -1.67
C ASP B 55 -10.70 -28.41 -1.03
N SER B 56 -10.70 -28.05 0.24
CA SER B 56 -11.96 -27.79 0.94
CA SER B 56 -11.94 -27.84 1.02
C SER B 56 -11.82 -26.56 1.83
N THR B 57 -12.92 -25.81 1.95
CA THR B 57 -12.92 -24.57 2.69
C THR B 57 -12.77 -24.80 4.19
N PRO B 58 -11.74 -24.20 4.81
CA PRO B 58 -11.57 -24.35 6.25
C PRO B 58 -12.56 -23.46 7.03
N PRO B 59 -12.69 -23.68 8.34
CA PRO B 59 -13.70 -23.01 9.16
C PRO B 59 -13.48 -21.51 9.32
N PRO B 60 -14.55 -20.77 9.59
CA PRO B 60 -14.39 -19.35 9.96
C PRO B 60 -13.45 -19.24 11.15
N GLY B 61 -12.51 -18.29 11.10
CA GLY B 61 -11.55 -18.15 12.17
C GLY B 61 -10.20 -18.75 11.84
N THR B 62 -10.13 -19.54 10.76
CA THR B 62 -8.85 -20.02 10.27
C THR B 62 -7.99 -18.82 9.86
N ARG B 63 -6.69 -18.91 10.10
CA ARG B 63 -5.76 -17.82 9.77
C ARG B 63 -4.56 -18.35 8.98
N VAL B 64 -3.83 -17.43 8.37
CA VAL B 64 -2.64 -17.77 7.61
CA VAL B 64 -2.63 -17.79 7.63
C VAL B 64 -1.48 -16.93 8.12
N ARG B 65 -0.39 -17.58 8.51
CA ARG B 65 0.77 -16.93 9.09
C ARG B 65 1.99 -17.08 8.18
N ALA B 66 2.82 -16.03 8.12
CA ALA B 66 4.08 -16.06 7.38
C ALA B 66 5.23 -15.77 8.34
N MET B 67 6.31 -16.52 8.18
CA MET B 67 7.51 -16.36 9.00
C MET B 67 8.73 -16.67 8.13
N ALA B 68 9.82 -15.94 8.32
CA ALA B 68 11.07 -16.21 7.62
C ALA B 68 12.04 -16.95 8.52
N ILE B 69 12.79 -17.89 7.94
CA ILE B 69 13.94 -18.50 8.61
C ILE B 69 15.13 -18.53 7.65
N TYR B 70 16.34 -18.58 8.18
CA TYR B 70 17.52 -18.79 7.32
C TYR B 70 17.54 -20.22 6.80
N LYS B 71 17.92 -20.36 5.54
CA LYS B 71 17.96 -21.66 4.88
C LYS B 71 19.12 -22.55 5.35
N GLN B 72 20.29 -21.94 5.55
CA GLN B 72 21.50 -22.69 5.86
C GLN B 72 21.57 -23.19 7.30
N SER B 73 22.16 -24.38 7.46
CA SER B 73 22.31 -25.02 8.77
CA SER B 73 22.27 -25.01 8.77
C SER B 73 22.86 -24.10 9.85
N GLN B 74 23.94 -23.39 9.54
N GLN B 74 23.93 -23.40 9.51
CA GLN B 74 24.62 -22.61 10.58
CA GLN B 74 24.66 -22.59 10.48
C GLN B 74 23.89 -21.34 10.92
C GLN B 74 23.90 -21.34 10.90
N HIS B 75 22.87 -20.99 10.13
CA HIS B 75 22.13 -19.75 10.37
C HIS B 75 20.67 -19.96 10.80
N MET B 76 20.16 -21.17 10.67
CA MET B 76 18.73 -21.41 10.90
CA MET B 76 18.74 -21.39 10.90
C MET B 76 18.27 -21.07 12.32
N THR B 77 19.16 -21.13 13.30
CA THR B 77 18.74 -20.78 14.67
C THR B 77 18.72 -19.27 14.95
N GLU B 78 19.17 -18.47 14.00
CA GLU B 78 19.17 -17.03 14.17
C GLU B 78 17.86 -16.41 13.69
N VAL B 79 17.26 -15.54 14.50
CA VAL B 79 16.04 -14.84 14.09
C VAL B 79 16.29 -13.99 12.85
N VAL B 80 15.46 -14.15 11.84
CA VAL B 80 15.53 -13.30 10.65
C VAL B 80 14.87 -11.96 10.97
N ARG B 81 15.61 -10.86 10.83
CA ARG B 81 15.07 -9.55 11.15
C ARG B 81 15.59 -8.52 10.17
N ARG B 82 15.01 -7.33 10.21
CA ARG B 82 15.53 -6.25 9.38
C ARG B 82 16.87 -5.77 9.91
N CYS B 83 17.66 -5.20 8.99
CA CYS B 83 19.02 -4.79 9.27
C CYS B 83 19.04 -3.53 10.15
N PRO B 84 20.22 -3.18 10.66
CA PRO B 84 20.31 -2.03 11.57
C PRO B 84 19.92 -0.71 10.90
N HIS B 85 20.06 -0.62 9.59
CA HIS B 85 19.61 0.57 8.87
C HIS B 85 18.09 0.62 8.72
N HIS B 86 17.52 -0.44 8.14
CA HIS B 86 16.10 -0.42 7.83
C HIS B 86 15.19 -0.41 9.06
N GLU B 87 15.64 -1.02 10.17
CA GLU B 87 14.80 -1.00 11.36
C GLU B 87 14.69 0.42 11.94
N ARG B 88 15.59 1.32 11.51
CA ARG B 88 15.64 2.70 12.01
C ARG B 88 15.18 3.74 10.98
N CYS B 89 14.55 3.32 9.90
N CYS B 89 14.52 3.29 9.92
CA CYS B 89 14.21 4.28 8.84
CA CYS B 89 14.14 4.16 8.80
C CYS B 89 12.76 4.78 8.84
C CYS B 89 12.84 4.94 8.94
N SER B 90 12.07 4.64 9.98
CA SER B 90 10.73 5.23 10.14
C SER B 90 9.78 4.91 8.99
N ASP B 91 9.83 3.69 8.50
CA ASP B 91 8.98 3.35 7.37
C ASP B 91 7.83 2.41 7.74
N SER B 92 7.53 2.29 9.04
CA SER B 92 6.44 1.47 9.52
C SER B 92 5.10 2.08 9.17
N ASP B 93 4.10 1.23 8.95
CA ASP B 93 2.75 1.68 8.66
C ASP B 93 1.92 1.85 9.92
N GLY B 94 2.59 1.76 11.08
CA GLY B 94 1.90 1.87 12.35
C GLY B 94 1.34 0.54 12.83
N LEU B 95 1.40 -0.48 11.99
CA LEU B 95 0.97 -1.82 12.36
C LEU B 95 2.18 -2.74 12.47
N ALA B 96 3.00 -2.79 11.42
CA ALA B 96 4.18 -3.63 11.42
C ALA B 96 5.27 -3.02 12.30
N PRO B 97 5.80 -3.81 13.25
CA PRO B 97 6.97 -3.30 13.98
C PRO B 97 8.11 -3.07 12.99
N PRO B 98 8.94 -2.05 13.21
CA PRO B 98 9.99 -1.74 12.24
C PRO B 98 11.06 -2.83 12.08
N GLN B 99 11.11 -3.78 13.03
CA GLN B 99 12.06 -4.88 12.95
C GLN B 99 11.62 -6.00 12.00
N HIS B 100 10.32 -6.05 11.66
CA HIS B 100 9.79 -7.21 10.94
C HIS B 100 10.13 -7.18 9.45
N LEU B 101 10.72 -8.26 8.95
CA LEU B 101 11.03 -8.36 7.53
C LEU B 101 9.78 -8.44 6.66
N ILE B 102 8.83 -9.29 7.07
CA ILE B 102 7.66 -9.55 6.24
C ILE B 102 6.46 -8.75 6.72
N ARG B 103 5.88 -7.99 5.79
CA ARG B 103 4.61 -7.30 6.04
C ARG B 103 3.52 -7.85 5.14
N VAL B 104 2.29 -7.69 5.59
CA VAL B 104 1.14 -7.89 4.71
C VAL B 104 0.67 -6.51 4.24
N GLU B 105 0.46 -6.39 2.94
CA GLU B 105 0.01 -5.16 2.32
C GLU B 105 -1.51 -5.10 2.24
N GLY B 106 -2.09 -3.96 2.63
CA GLY B 106 -3.50 -3.68 2.41
C GLY B 106 -4.49 -4.57 3.15
N ASN B 107 -4.16 -4.93 4.39
CA ASN B 107 -5.09 -5.68 5.23
C ASN B 107 -5.01 -5.21 6.68
N LEU B 108 -5.98 -4.41 7.09
CA LEU B 108 -5.99 -3.86 8.44
C LEU B 108 -6.22 -4.91 9.54
N ARG B 109 -6.53 -6.14 9.13
CA ARG B 109 -6.69 -7.22 10.10
C ARG B 109 -5.40 -8.00 10.35
N ALA B 110 -4.32 -7.61 9.67
CA ALA B 110 -3.02 -8.23 9.91
C ALA B 110 -2.56 -8.01 11.35
N GLU B 111 -2.04 -9.07 11.95
CA GLU B 111 -1.44 -8.98 13.28
C GLU B 111 0.00 -9.42 13.23
N TYR B 112 0.84 -8.73 13.98
CA TYR B 112 2.26 -8.99 14.00
C TYR B 112 2.63 -9.56 15.36
N LEU B 113 3.33 -10.68 15.35
CA LEU B 113 3.74 -11.35 16.57
C LEU B 113 5.26 -11.32 16.76
N ASP B 114 5.70 -10.92 17.95
CA ASP B 114 7.04 -11.20 18.43
C ASP B 114 6.89 -12.35 19.42
N ASP B 115 7.35 -13.54 19.05
CA ASP B 115 7.13 -14.71 19.91
C ASP B 115 7.84 -14.52 21.25
N ARG B 116 7.10 -14.69 22.34
CA ARG B 116 7.65 -14.42 23.66
C ARG B 116 8.76 -15.37 24.05
N ASN B 117 8.80 -16.54 23.42
CA ASN B 117 9.77 -17.58 23.76
C ASN B 117 10.92 -17.66 22.77
N THR B 118 10.62 -17.60 21.48
CA THR B 118 11.64 -17.79 20.44
C THR B 118 12.14 -16.47 19.86
N PHE B 119 11.41 -15.40 20.14
CA PHE B 119 11.73 -14.07 19.62
C PHE B 119 11.57 -13.93 18.11
N ARG B 120 11.03 -14.96 17.48
CA ARG B 120 10.80 -14.88 16.04
C ARG B 120 9.61 -14.02 15.68
N HIS B 121 9.67 -13.43 14.50
CA HIS B 121 8.62 -12.54 14.02
C HIS B 121 7.71 -13.27 13.05
N SER B 122 6.44 -12.92 13.08
CA SER B 122 5.51 -13.42 12.07
C SER B 122 4.36 -12.45 11.88
N VAL B 123 3.66 -12.62 10.77
CA VAL B 123 2.50 -11.81 10.46
C VAL B 123 1.37 -12.76 10.08
N VAL B 124 0.20 -12.54 10.66
CA VAL B 124 -0.90 -13.47 10.49
C VAL B 124 -2.16 -12.69 10.10
N VAL B 125 -2.95 -13.24 9.18
CA VAL B 125 -4.19 -12.61 8.76
C VAL B 125 -5.32 -13.64 8.75
N PRO B 126 -6.55 -13.17 8.91
CA PRO B 126 -7.69 -14.10 8.81
C PRO B 126 -7.86 -14.61 7.38
N CYS B 127 -8.23 -15.87 7.26
CA CYS B 127 -8.65 -16.40 5.96
C CYS B 127 -9.99 -15.81 5.55
N GLU B 128 -10.06 -15.35 4.31
CA GLU B 128 -11.29 -14.79 3.76
C GLU B 128 -11.61 -15.49 2.44
N PRO B 129 -12.87 -15.42 2.00
CA PRO B 129 -13.24 -16.03 0.72
C PRO B 129 -12.54 -15.34 -0.44
N PRO B 130 -12.30 -16.08 -1.52
CA PRO B 130 -11.75 -15.49 -2.74
C PRO B 130 -12.64 -14.36 -3.24
N GLU B 131 -12.06 -13.40 -3.94
CA GLU B 131 -12.85 -12.40 -4.61
C GLU B 131 -13.71 -13.12 -5.64
N VAL B 132 -14.96 -12.71 -5.80
CA VAL B 132 -15.83 -13.37 -6.76
C VAL B 132 -15.16 -13.35 -8.14
N GLY B 133 -15.24 -14.48 -8.84
CA GLY B 133 -14.55 -14.61 -10.12
C GLY B 133 -13.15 -15.17 -9.97
N SER B 134 -12.76 -15.49 -8.74
CA SER B 134 -11.46 -16.09 -8.47
CA SER B 134 -11.46 -16.08 -8.46
C SER B 134 -11.61 -17.44 -7.78
N ASP B 135 -10.70 -18.36 -8.09
CA ASP B 135 -10.73 -19.70 -7.51
C ASP B 135 -9.88 -19.82 -6.24
N CYS B 136 -9.10 -18.80 -5.94
CA CYS B 136 -8.26 -18.85 -4.75
C CYS B 136 -8.18 -17.50 -4.09
N THR B 137 -7.85 -17.52 -2.81
CA THR B 137 -7.57 -16.31 -2.07
C THR B 137 -6.09 -15.98 -2.22
N THR B 138 -5.78 -14.69 -2.27
CA THR B 138 -4.40 -14.25 -2.41
CA THR B 138 -4.39 -14.27 -2.38
C THR B 138 -4.04 -13.32 -1.26
N ILE B 139 -2.81 -13.42 -0.77
CA ILE B 139 -2.29 -12.48 0.21
C ILE B 139 -1.17 -11.72 -0.47
N HIS B 140 -1.07 -10.42 -0.21
CA HIS B 140 0.03 -9.62 -0.73
C HIS B 140 1.05 -9.38 0.36
N TYR B 141 2.26 -9.92 0.18
CA TYR B 141 3.35 -9.69 1.11
C TYR B 141 4.34 -8.64 0.60
N ASN B 142 5.03 -7.99 1.53
CA ASN B 142 6.15 -7.10 1.20
C ASN B 142 7.36 -7.54 2.02
N TYR B 143 8.53 -7.58 1.39
CA TYR B 143 9.77 -7.91 2.09
C TYR B 143 10.57 -6.61 2.25
N MET B 144 10.98 -6.32 3.49
CA MET B 144 11.40 -4.95 3.81
C MET B 144 12.92 -4.73 3.97
N CYS B 145 13.71 -5.73 3.57
CA CYS B 145 15.16 -5.60 3.44
C CYS B 145 15.60 -6.35 2.19
N TYR B 146 16.71 -5.92 1.61
CA TYR B 146 17.39 -6.71 0.58
C TYR B 146 18.07 -7.92 1.20
N SER B 147 18.16 -9.00 0.44
CA SER B 147 18.95 -10.14 0.90
C SER B 147 20.37 -9.74 1.27
N SER B 148 20.91 -8.73 0.60
CA SER B 148 22.28 -8.28 0.83
C SER B 148 22.48 -7.31 2.01
N CYS B 149 21.41 -6.89 2.69
CA CYS B 149 21.54 -5.87 3.73
C CYS B 149 22.55 -6.26 4.81
N MET B 150 23.55 -5.39 4.99
CA MET B 150 24.61 -5.60 5.97
CA MET B 150 24.60 -5.65 5.98
C MET B 150 24.02 -5.58 7.39
N GLY B 151 24.42 -6.53 8.24
CA GLY B 151 23.93 -6.57 9.61
C GLY B 151 22.54 -7.17 9.74
N GLY B 152 21.92 -7.47 8.60
CA GLY B 152 20.63 -8.16 8.56
C GLY B 152 20.82 -9.50 7.88
N MET B 153 20.08 -9.75 6.80
CA MET B 153 20.25 -11.00 6.07
C MET B 153 21.67 -11.25 5.59
N ASN B 154 22.37 -10.16 5.25
N ASN B 154 22.38 -10.18 5.22
CA ASN B 154 23.79 -10.21 4.89
CA ASN B 154 23.81 -10.30 4.97
C ASN B 154 24.12 -11.32 3.91
C ASN B 154 24.18 -11.29 3.87
N ARG B 155 23.33 -11.37 2.84
CA ARG B 155 23.56 -12.27 1.70
C ARG B 155 23.17 -13.73 1.97
N ARG B 156 22.63 -14.00 3.16
CA ARG B 156 22.21 -15.35 3.53
C ARG B 156 20.81 -15.63 3.01
N PRO B 157 20.63 -16.75 2.28
CA PRO B 157 19.31 -17.09 1.77
CA PRO B 157 19.30 -17.08 1.78
C PRO B 157 18.30 -17.38 2.89
N ILE B 158 17.06 -16.98 2.65
CA ILE B 158 15.97 -17.26 3.59
C ILE B 158 14.87 -18.06 2.93
N LEU B 159 14.05 -18.68 3.76
CA LEU B 159 12.79 -19.31 3.35
C LEU B 159 11.67 -18.56 4.04
N THR B 160 10.54 -18.42 3.35
CA THR B 160 9.29 -18.06 4.00
C THR B 160 8.48 -19.32 4.22
N ILE B 161 7.99 -19.49 5.45
CA ILE B 161 7.11 -20.60 5.80
C ILE B 161 5.72 -20.05 5.99
N ILE B 162 4.76 -20.60 5.24
CA ILE B 162 3.38 -20.19 5.36
C ILE B 162 2.60 -21.30 6.04
N THR B 163 1.93 -20.95 7.12
CA THR B 163 1.13 -21.93 7.84
CA THR B 163 1.15 -21.92 7.89
C THR B 163 -0.32 -21.55 7.89
N LEU B 164 -1.17 -22.54 7.65
CA LEU B 164 -2.61 -22.40 7.84
C LEU B 164 -2.88 -22.87 9.26
N GLU B 165 -3.59 -22.07 10.04
CA GLU B 165 -3.78 -22.33 11.48
C GLU B 165 -5.24 -22.19 11.87
N ASP B 166 -5.67 -22.92 12.90
CA ASP B 166 -7.00 -22.67 13.43
C ASP B 166 -6.99 -21.46 14.34
N SER B 167 -8.13 -21.14 14.94
CA SER B 167 -8.24 -19.91 15.69
C SER B 167 -7.41 -19.91 16.98
N SER B 168 -6.99 -21.09 17.43
CA SER B 168 -6.08 -21.23 18.57
C SER B 168 -4.60 -21.15 18.18
N GLY B 169 -4.32 -21.20 16.89
CA GLY B 169 -2.95 -21.23 16.41
C GLY B 169 -2.42 -22.62 16.14
N ASN B 170 -3.28 -23.63 16.22
CA ASN B 170 -2.86 -25.00 15.93
C ASN B 170 -2.65 -25.21 14.43
N LEU B 171 -1.66 -26.02 14.07
CA LEU B 171 -1.30 -26.23 12.68
C LEU B 171 -2.36 -26.99 11.90
N LEU B 172 -2.77 -26.44 10.76
CA LEU B 172 -3.62 -27.15 9.82
C LEU B 172 -2.91 -27.51 8.52
N GLY B 173 -1.92 -26.72 8.12
CA GLY B 173 -1.21 -26.95 6.87
C GLY B 173 0.05 -26.10 6.80
N ARG B 174 1.01 -26.51 5.99
CA ARG B 174 2.29 -25.81 5.92
C ARG B 174 2.87 -25.91 4.51
N ASP B 175 3.48 -24.82 4.04
CA ASP B 175 4.20 -24.83 2.77
C ASP B 175 5.31 -23.79 2.91
N SER B 176 6.23 -23.74 1.97
CA SER B 176 7.35 -22.82 2.08
C SER B 176 7.98 -22.56 0.73
N PHE B 177 8.74 -21.48 0.65
CA PHE B 177 9.49 -21.13 -0.56
C PHE B 177 10.70 -20.28 -0.19
N GLU B 178 11.77 -20.38 -0.97
CA GLU B 178 12.93 -19.53 -0.77
CA GLU B 178 12.93 -19.53 -0.77
C GLU B 178 12.62 -18.12 -1.28
N VAL B 179 13.29 -17.12 -0.73
CA VAL B 179 13.11 -15.76 -1.19
C VAL B 179 14.44 -15.07 -1.38
N ARG B 180 14.59 -14.36 -2.48
CA ARG B 180 15.69 -13.41 -2.68
C ARG B 180 15.09 -12.04 -2.92
N VAL B 181 15.45 -11.07 -2.09
CA VAL B 181 15.01 -9.71 -2.30
C VAL B 181 16.18 -8.97 -2.93
N CYS B 182 15.96 -8.45 -4.13
CA CYS B 182 17.06 -7.93 -4.94
C CYS B 182 16.58 -6.83 -5.88
N ALA B 183 17.55 -6.13 -6.46
CA ALA B 183 17.24 -5.01 -7.35
C ALA B 183 16.61 -5.43 -8.68
N CYS B 184 17.04 -6.57 -9.21
CA CYS B 184 16.61 -7.04 -10.53
CA CYS B 184 16.56 -7.03 -10.51
C CYS B 184 16.16 -8.50 -10.48
N PRO B 185 14.95 -8.75 -9.98
CA PRO B 185 14.45 -10.12 -9.84
C PRO B 185 14.42 -10.89 -11.16
N GLY B 186 14.09 -10.22 -12.25
CA GLY B 186 13.99 -10.89 -13.54
C GLY B 186 15.33 -11.44 -13.97
N ARG B 187 16.35 -10.58 -13.90
CA ARG B 187 17.70 -10.98 -14.27
C ARG B 187 18.21 -12.06 -13.32
N ASP B 188 17.96 -11.91 -12.02
CA ASP B 188 18.48 -12.87 -11.07
C ASP B 188 17.82 -14.24 -11.21
N ARG B 189 16.52 -14.26 -11.49
CA ARG B 189 15.86 -15.54 -11.75
C ARG B 189 16.44 -16.22 -12.98
N ARG B 190 16.62 -15.47 -14.06
CA ARG B 190 17.21 -16.02 -15.27
C ARG B 190 18.60 -16.58 -15.00
N THR B 191 19.39 -15.84 -14.25
CA THR B 191 20.75 -16.28 -13.93
C THR B 191 20.74 -17.57 -13.12
N GLU B 192 19.95 -17.60 -12.05
CA GLU B 192 19.92 -18.77 -11.18
C GLU B 192 19.34 -19.99 -11.88
N GLU B 193 18.36 -19.78 -12.76
CA GLU B 193 17.83 -20.89 -13.55
C GLU B 193 18.82 -21.39 -14.59
N GLU B 194 19.61 -20.48 -15.16
CA GLU B 194 20.69 -20.85 -16.06
C GLU B 194 21.73 -21.68 -15.33
N ASN B 195 22.07 -21.27 -14.12
CA ASN B 195 23.02 -22.01 -13.31
C ASN B 195 22.52 -23.42 -13.00
N LEU B 196 21.24 -23.52 -12.67
CA LEU B 196 20.63 -24.81 -12.34
C LEU B 196 20.76 -25.80 -13.49
N ARG B 197 20.55 -25.33 -14.71
CA ARG B 197 20.68 -26.19 -15.88
C ARG B 197 22.12 -26.62 -16.10
N LYS B 198 23.06 -25.83 -15.61
CA LYS B 198 24.48 -26.16 -15.70
C LYS B 198 24.99 -26.81 -14.42
ZN ZN C . 4.64 26.16 -0.48
C1 QC5 D . -24.49 10.71 -4.59
C2 QC5 D . -25.79 10.85 -4.02
C3 QC5 D . -26.69 10.44 -4.99
N1 QC5 D . -25.93 10.09 -6.14
C4 QC5 D . -26.47 9.60 -7.41
C5 QC5 D . -25.92 8.20 -7.61
N2 QC5 D . -26.67 7.48 -8.62
C6 QC5 D . -28.08 7.65 -8.43
C7 QC5 D . -26.36 6.06 -8.55
N3 QC5 D . -24.61 10.25 -5.89
C8 QC5 D . -21.06 10.67 -3.37
C9 QC5 D . -21.39 12.03 -3.18
C10 QC5 D . -22.71 12.23 -3.58
N4 QC5 D . -23.20 10.99 -4.04
C11 QC5 D . -22.17 10.03 -3.91
C12 QC5 D . -27.04 12.10 -0.07
C13 QC5 D . -27.80 12.44 -1.20
C14 QC5 D . -27.39 12.03 -2.46
C15 QC5 D . -26.20 11.30 -2.61
C16 QC5 D . -25.45 10.96 -1.48
C17 QC5 D . -25.87 11.36 -0.21
F QC5 D . -27.45 12.49 1.14
ZN ZN E . 17.90 -3.68 5.29
C1 QC5 F . -10.43 -20.06 1.34
C2 QC5 F . -11.75 -19.91 1.83
C3 QC5 F . -12.60 -20.36 0.84
N1 QC5 F . -11.78 -20.75 -0.24
C4 QC5 F . -12.24 -21.31 -1.51
C5 QC5 F . -12.00 -22.79 -1.40
N2 QC5 F . -12.52 -23.51 -2.55
C6 QC5 F . -13.95 -23.47 -2.56
C7 QC5 F . -12.09 -24.90 -2.48
N3 QC5 F . -10.49 -20.58 0.06
C8 QC5 F . -7.06 -20.03 2.63
C9 QC5 F . -7.44 -18.69 2.83
C10 QC5 F . -8.75 -18.51 2.39
N4 QC5 F . -9.18 -19.76 1.93
C11 QC5 F . -8.13 -20.70 2.06
C12 QC5 F . -13.07 -18.55 5.69
C13 QC5 F . -13.82 -18.24 4.55
C14 QC5 F . -13.39 -18.68 3.30
C15 QC5 F . -12.21 -19.41 3.19
C16 QC5 F . -11.46 -19.73 4.33
C17 QC5 F . -11.91 -19.29 5.59
F QC5 F . -13.49 -18.13 6.88
#